data_2I5I
#
_entry.id   2I5I
#
_cell.length_a   130.530
_cell.length_b   130.530
_cell.length_c   85.760
_cell.angle_alpha   90.000
_cell.angle_beta   90.000
_cell.angle_gamma   120.000
#
_symmetry.space_group_name_H-M   'H 3'
#
loop_
_entity.id
_entity.type
_entity.pdbx_description
1 polymer 'UPF0249 protein EF_3048'
2 water water
#
_entity_poly.entity_id   1
_entity_poly.type   'polypeptide(L)'
_entity_poly.pdbx_seq_one_letter_code
;G(MSE)SNKKLIINADDFGYTPAVTQGIIEAHKRGVVTSTTALPTSPYFLEA(MSE)ESARISAPTLAIGVHLTLTLNQA
KPILPRE(MSE)VPSLVDEAGYFWHQSIFEEKVNLEEVYNEWDAQIISF(MSE)KSGRRPDHIDSHHNVHGKNKKLLGVA
LALARKYQLPLRNASRSIETKDYLELYQDVRTPDE(MSE)LYQFYDKAISTETILQLLD(MSE)VVCSEGEVFEINCHPA
FIDTILQNQSGYC(MSE)PRIREVEILTSQEVKEAIEERGILLANYESLA(MSE)
;
_entity_poly.pdbx_strand_id   A,B
#
# COMPACT_ATOMS: atom_id res chain seq x y z
N SER A 3 13.15 -19.55 -31.66
CA SER A 3 11.90 -19.56 -30.90
C SER A 3 11.87 -18.46 -29.85
N ASN A 4 10.71 -17.81 -29.69
CA ASN A 4 10.70 -16.72 -28.71
C ASN A 4 10.70 -17.32 -27.30
N LYS A 5 11.05 -16.49 -26.32
CA LYS A 5 11.08 -16.90 -24.93
C LYS A 5 9.94 -16.17 -24.20
N LYS A 6 9.12 -16.94 -23.49
CA LYS A 6 8.00 -16.33 -22.77
C LYS A 6 8.25 -16.40 -21.28
N LEU A 7 8.25 -15.23 -20.65
CA LEU A 7 8.59 -15.08 -19.26
C LEU A 7 7.39 -14.56 -18.44
N ILE A 8 6.94 -15.41 -17.54
CA ILE A 8 5.90 -15.13 -16.58
C ILE A 8 6.64 -14.72 -15.30
N ILE A 9 6.36 -13.53 -14.81
CA ILE A 9 6.84 -12.94 -13.57
C ILE A 9 5.61 -12.85 -12.68
N ASN A 10 5.61 -13.75 -11.70
CA ASN A 10 4.40 -13.96 -10.90
C ASN A 10 4.70 -13.59 -9.47
N ALA A 11 3.88 -12.67 -8.97
CA ALA A 11 3.96 -12.26 -7.57
C ALA A 11 3.13 -13.19 -6.70
N ASP A 12 3.76 -13.89 -5.77
CA ASP A 12 3.00 -14.72 -4.84
C ASP A 12 2.34 -13.88 -3.73
N ASP A 13 1.23 -14.36 -3.21
CA ASP A 13 0.59 -13.89 -2.00
C ASP A 13 -0.37 -12.72 -2.22
N PHE A 14 -0.95 -12.60 -3.39
CA PHE A 14 -2.05 -11.60 -3.57
C PHE A 14 -3.13 -11.82 -2.54
N GLY A 15 -3.68 -10.76 -1.94
CA GLY A 15 -4.70 -10.88 -0.93
C GLY A 15 -4.19 -11.28 0.44
N TYR A 16 -2.88 -11.46 0.59
CA TYR A 16 -2.31 -11.86 1.88
C TYR A 16 -2.67 -10.82 2.92
N THR A 17 -2.28 -9.57 2.65
N THR A 17 -2.28 -9.57 2.65
CA THR A 17 -2.67 -8.43 3.48
CA THR A 17 -2.63 -8.42 3.47
C THR A 17 -2.92 -7.22 2.57
C THR A 17 -2.95 -7.23 2.55
N PRO A 18 -3.66 -6.23 3.03
CA PRO A 18 -3.90 -5.04 2.20
C PRO A 18 -2.66 -4.41 1.59
N ALA A 19 -1.54 -4.26 2.30
CA ALA A 19 -0.34 -3.69 1.75
C ALA A 19 0.43 -4.60 0.80
N VAL A 20 0.34 -5.91 1.03
CA VAL A 20 0.92 -6.84 0.07
C VAL A 20 0.16 -6.65 -1.25
N THR A 21 -1.16 -6.73 -1.23
CA THR A 21 -1.99 -6.54 -2.42
C THR A 21 -1.60 -5.26 -3.17
N GLN A 22 -1.44 -4.15 -2.43
CA GLN A 22 -1.14 -2.92 -3.17
C GLN A 22 0.31 -2.86 -3.65
N GLY A 23 1.23 -3.50 -2.93
CA GLY A 23 2.59 -3.61 -3.42
C GLY A 23 2.66 -4.43 -4.69
N ILE A 24 1.89 -5.53 -4.75
CA ILE A 24 1.86 -6.27 -6.02
C ILE A 24 1.28 -5.45 -7.15
N ILE A 25 0.17 -4.74 -6.90
CA ILE A 25 -0.41 -3.92 -7.96
C ILE A 25 0.59 -2.89 -8.47
N GLU A 26 1.39 -2.29 -7.60
CA GLU A 26 2.43 -1.34 -8.01
C GLU A 26 3.47 -1.94 -8.95
N ALA A 27 3.93 -3.12 -8.53
CA ALA A 27 4.94 -3.87 -9.26
C ALA A 27 4.44 -4.28 -10.63
N HIS A 28 3.13 -4.47 -10.78
CA HIS A 28 2.59 -4.76 -12.11
C HIS A 28 2.43 -3.49 -12.94
N LYS A 29 1.79 -2.49 -12.37
CA LYS A 29 1.41 -1.31 -13.13
C LYS A 29 2.61 -0.45 -13.51
N ARG A 30 3.61 -0.35 -12.64
CA ARG A 30 4.82 0.40 -12.86
C ARG A 30 6.03 -0.47 -13.20
N GLY A 31 5.87 -1.79 -13.21
CA GLY A 31 7.02 -2.68 -13.25
C GLY A 31 6.78 -3.89 -14.14
N VAL A 32 7.51 -4.97 -13.92
CA VAL A 32 7.42 -6.08 -14.89
C VAL A 32 6.63 -7.29 -14.40
N VAL A 33 5.97 -7.23 -13.26
CA VAL A 33 5.10 -8.32 -12.78
C VAL A 33 3.91 -8.47 -13.73
N THR A 34 3.72 -9.68 -14.26
CA THR A 34 2.64 -9.87 -15.25
C THR A 34 1.49 -10.70 -14.72
N SER A 35 1.69 -11.31 -13.57
CA SER A 35 0.76 -12.24 -12.95
C SER A 35 0.90 -12.25 -11.44
N THR A 36 -0.12 -12.73 -10.76
CA THR A 36 -0.08 -12.97 -9.33
C THR A 36 -0.91 -14.20 -9.00
N THR A 37 -0.66 -14.75 -7.82
CA THR A 37 -1.53 -15.84 -7.33
C THR A 37 -2.03 -15.47 -5.93
N ALA A 38 -3.31 -15.64 -5.74
CA ALA A 38 -4.07 -15.14 -4.60
C ALA A 38 -4.52 -16.19 -3.62
N LEU A 39 -4.52 -15.82 -2.33
CA LEU A 39 -4.94 -16.71 -1.25
C LEU A 39 -6.41 -16.56 -0.89
N PRO A 40 -7.29 -17.44 -1.34
CA PRO A 40 -8.68 -17.41 -0.87
C PRO A 40 -8.86 -17.67 0.63
N THR A 41 -7.85 -18.25 1.27
CA THR A 41 -7.87 -18.55 2.69
C THR A 41 -7.65 -17.30 3.52
N SER A 42 -7.28 -16.23 2.83
CA SER A 42 -7.08 -14.94 3.50
C SER A 42 -8.35 -14.11 3.61
N PRO A 43 -8.60 -13.51 4.76
CA PRO A 43 -9.88 -12.76 4.86
C PRO A 43 -9.93 -11.56 3.92
N TYR A 44 -8.78 -11.06 3.49
CA TYR A 44 -8.63 -9.95 2.55
C TYR A 44 -8.76 -10.37 1.10
N PHE A 45 -9.05 -11.64 0.82
CA PHE A 45 -9.06 -12.07 -0.58
C PHE A 45 -10.01 -11.32 -1.50
N LEU A 46 -11.29 -11.23 -1.10
CA LEU A 46 -12.29 -10.63 -1.97
C LEU A 46 -12.01 -9.15 -2.15
N GLU A 47 -11.57 -8.48 -1.09
CA GLU A 47 -11.17 -7.07 -1.26
C GLU A 47 -10.05 -6.92 -2.26
N ALA A 48 -9.06 -7.80 -2.17
CA ALA A 48 -7.96 -7.79 -3.12
C ALA A 48 -8.45 -7.95 -4.55
N GLU A 50 -11.39 -7.28 -5.73
CA GLU A 50 -12.07 -6.04 -6.12
C GLU A 50 -11.07 -4.96 -6.49
N SER A 51 -10.02 -4.77 -5.72
CA SER A 51 -9.01 -3.76 -6.05
C SER A 51 -8.38 -4.01 -7.41
N ALA A 52 -8.13 -5.32 -7.65
CA ALA A 52 -7.59 -5.63 -8.98
C ALA A 52 -8.54 -5.26 -10.10
N ARG A 53 -9.82 -5.56 -9.90
CA ARG A 53 -10.81 -5.30 -10.91
C ARG A 53 -10.85 -3.81 -11.27
N ILE A 54 -10.75 -2.99 -10.21
CA ILE A 54 -10.94 -1.56 -10.54
C ILE A 54 -9.63 -0.86 -10.80
N SER A 55 -8.53 -1.29 -10.19
CA SER A 55 -7.28 -0.56 -10.34
C SER A 55 -6.17 -1.33 -11.04
N ALA A 56 -6.29 -2.64 -11.28
CA ALA A 56 -5.28 -3.39 -12.03
C ALA A 56 -5.93 -4.37 -13.01
N PRO A 57 -6.81 -3.91 -13.89
CA PRO A 57 -7.61 -4.80 -14.73
C PRO A 57 -6.77 -5.63 -15.70
N THR A 58 -5.51 -5.23 -15.93
CA THR A 58 -4.64 -5.97 -16.81
C THR A 58 -3.92 -7.11 -16.09
N LEU A 59 -4.13 -7.23 -14.78
CA LEU A 59 -3.30 -8.19 -14.04
C LEU A 59 -3.87 -9.60 -14.08
N ALA A 60 -3.03 -10.56 -14.48
CA ALA A 60 -3.51 -11.94 -14.51
C ALA A 60 -3.41 -12.55 -13.12
N ILE A 61 -4.42 -13.34 -12.75
CA ILE A 61 -4.50 -13.86 -11.39
C ILE A 61 -4.85 -15.36 -11.32
N GLY A 62 -4.01 -16.11 -10.64
CA GLY A 62 -4.20 -17.53 -10.39
C GLY A 62 -4.47 -17.79 -8.92
N VAL A 63 -4.67 -19.07 -8.57
CA VAL A 63 -5.02 -19.42 -7.19
C VAL A 63 -3.82 -20.00 -6.46
N HIS A 64 -3.52 -19.42 -5.31
CA HIS A 64 -2.44 -19.76 -4.41
C HIS A 64 -2.94 -20.75 -3.34
N LEU A 65 -2.84 -22.06 -3.63
CA LEU A 65 -3.29 -23.04 -2.65
C LEU A 65 -2.34 -23.09 -1.45
N THR A 66 -2.84 -23.48 -0.27
CA THR A 66 -2.03 -23.58 0.92
C THR A 66 -2.49 -24.69 1.87
N LEU A 67 -1.49 -25.18 2.60
CA LEU A 67 -1.65 -26.08 3.73
C LEU A 67 -0.92 -25.54 4.97
N THR A 68 -0.27 -24.39 4.86
CA THR A 68 0.67 -23.98 5.90
C THR A 68 0.62 -22.48 6.19
N LEU A 69 -0.43 -21.79 5.74
CA LEU A 69 -0.49 -20.34 5.91
C LEU A 69 -0.57 -20.02 7.41
N ASN A 70 0.45 -19.29 7.86
CA ASN A 70 0.54 -18.87 9.24
C ASN A 70 -0.73 -18.11 9.62
N GLN A 71 -1.31 -18.51 10.73
CA GLN A 71 -2.39 -17.87 11.45
C GLN A 71 -3.70 -17.90 10.69
N ALA A 72 -3.81 -18.88 9.79
CA ALA A 72 -5.07 -19.04 9.08
C ALA A 72 -5.59 -20.47 9.26
N LYS A 73 -6.85 -20.63 8.93
CA LYS A 73 -7.57 -21.88 9.00
C LYS A 73 -7.92 -22.33 7.59
N PRO A 74 -8.14 -23.63 7.38
CA PRO A 74 -8.68 -24.07 6.10
C PRO A 74 -10.08 -23.54 5.86
N ILE A 75 -10.48 -23.59 4.59
CA ILE A 75 -11.84 -23.29 4.16
C ILE A 75 -12.86 -24.24 4.78
N LEU A 76 -12.57 -25.55 4.76
CA LEU A 76 -13.48 -26.54 5.29
C LEU A 76 -13.41 -26.64 6.81
N PRO A 77 -14.52 -26.93 7.44
CA PRO A 77 -14.51 -27.01 8.92
C PRO A 77 -13.53 -28.11 9.34
N ARG A 78 -12.95 -27.89 10.50
CA ARG A 78 -11.91 -28.74 11.04
C ARG A 78 -12.34 -30.21 11.08
N GLU A 79 -13.60 -30.44 11.41
CA GLU A 79 -14.12 -31.80 11.51
C GLU A 79 -13.98 -32.56 10.19
N VAL A 81 -11.50 -31.83 7.87
CA VAL A 81 -10.08 -31.89 7.48
C VAL A 81 -9.14 -31.94 8.66
N PRO A 82 -9.38 -32.89 9.57
CA PRO A 82 -8.75 -32.83 10.87
C PRO A 82 -7.24 -33.03 10.81
N SER A 83 -6.77 -33.68 9.75
CA SER A 83 -5.34 -33.94 9.61
C SER A 83 -4.56 -32.69 9.23
N LEU A 84 -5.30 -31.64 8.85
CA LEU A 84 -4.66 -30.46 8.29
C LEU A 84 -4.38 -29.40 9.37
N VAL A 85 -4.95 -29.58 10.56
CA VAL A 85 -4.87 -28.49 11.54
C VAL A 85 -4.27 -28.80 12.89
N ASP A 86 -3.73 -27.75 13.51
CA ASP A 86 -3.23 -27.90 14.88
C ASP A 86 -4.39 -27.97 15.86
N GLU A 87 -4.09 -27.98 17.16
CA GLU A 87 -5.13 -28.12 18.16
C GLU A 87 -6.18 -27.03 18.12
N ALA A 88 -5.84 -25.83 17.63
CA ALA A 88 -6.84 -24.76 17.63
C ALA A 88 -7.46 -24.58 16.24
N GLY A 89 -7.11 -25.45 15.30
CA GLY A 89 -7.80 -25.40 14.00
C GLY A 89 -7.05 -24.64 12.92
N TYR A 90 -5.83 -24.19 13.20
CA TYR A 90 -5.03 -23.47 12.22
C TYR A 90 -4.15 -24.43 11.43
N PHE A 91 -3.77 -24.06 10.21
CA PHE A 91 -2.89 -24.90 9.42
C PHE A 91 -1.60 -25.22 10.17
N TRP A 92 -1.10 -26.44 10.07
CA TRP A 92 0.20 -26.86 10.54
C TRP A 92 1.32 -26.01 9.94
N HIS A 93 2.39 -25.77 10.70
CA HIS A 93 3.57 -25.05 10.22
C HIS A 93 4.27 -25.83 9.12
N GLN A 94 4.88 -25.15 8.15
CA GLN A 94 5.47 -25.86 7.02
C GLN A 94 6.50 -26.89 7.48
N SER A 95 7.18 -26.58 8.57
CA SER A 95 8.22 -27.44 9.10
C SER A 95 7.65 -28.80 9.49
N ILE A 96 6.36 -28.86 9.85
CA ILE A 96 5.88 -30.18 10.31
C ILE A 96 4.66 -30.71 9.58
N PHE A 97 4.16 -30.04 8.54
CA PHE A 97 2.90 -30.42 7.94
C PHE A 97 2.98 -31.72 7.13
N GLU A 98 4.11 -31.95 6.48
CA GLU A 98 4.19 -33.03 5.48
C GLU A 98 3.80 -34.38 6.09
N GLU A 99 4.19 -34.57 7.34
CA GLU A 99 4.00 -35.78 8.11
C GLU A 99 2.58 -35.94 8.63
N LYS A 100 1.84 -34.83 8.72
CA LYS A 100 0.53 -34.95 9.36
C LYS A 100 -0.59 -35.16 8.35
N VAL A 101 -0.49 -34.52 7.20
CA VAL A 101 -1.67 -34.40 6.39
C VAL A 101 -2.04 -35.69 5.65
N ASN A 102 -3.32 -35.90 5.50
CA ASN A 102 -4.00 -36.95 4.77
C ASN A 102 -4.38 -36.48 3.37
N LEU A 103 -3.99 -37.22 2.34
CA LEU A 103 -4.07 -36.74 0.98
C LEU A 103 -5.48 -36.45 0.51
N GLU A 104 -6.45 -37.24 0.98
CA GLU A 104 -7.84 -37.06 0.60
C GLU A 104 -8.38 -35.73 1.18
N GLU A 105 -7.97 -35.45 2.41
CA GLU A 105 -8.33 -34.18 3.03
C GLU A 105 -7.67 -33.03 2.28
N VAL A 106 -6.43 -33.20 1.87
CA VAL A 106 -5.73 -32.16 1.10
C VAL A 106 -6.49 -31.90 -0.20
N TYR A 107 -6.89 -32.98 -0.85
CA TYR A 107 -7.70 -32.84 -2.05
C TYR A 107 -8.97 -32.01 -1.83
N ASN A 108 -9.73 -32.37 -0.83
CA ASN A 108 -11.00 -31.71 -0.54
C ASN A 108 -10.78 -30.24 -0.19
N GLU A 109 -9.77 -30.01 0.66
CA GLU A 109 -9.51 -28.63 1.07
C GLU A 109 -9.06 -27.79 -0.12
N TRP A 110 -8.14 -28.32 -0.95
CA TRP A 110 -7.69 -27.52 -2.10
C TRP A 110 -8.81 -27.31 -3.08
N ASP A 111 -9.67 -28.32 -3.25
CA ASP A 111 -10.83 -28.15 -4.11
C ASP A 111 -11.69 -27.02 -3.55
N ALA A 112 -11.90 -27.02 -2.25
CA ALA A 112 -12.62 -25.96 -1.57
C ALA A 112 -11.97 -24.59 -1.79
N GLN A 113 -10.63 -24.57 -1.82
CA GLN A 113 -9.94 -23.29 -2.01
C GLN A 113 -10.15 -22.75 -3.40
N ILE A 114 -10.31 -23.67 -4.35
CA ILE A 114 -10.51 -23.25 -5.73
C ILE A 114 -11.92 -22.70 -5.88
N ILE A 115 -12.88 -23.41 -5.30
CA ILE A 115 -14.27 -22.93 -5.35
C ILE A 115 -14.40 -21.57 -4.66
N SER A 116 -13.65 -21.39 -3.58
CA SER A 116 -13.65 -20.16 -2.82
C SER A 116 -13.08 -19.02 -3.69
N PHE A 117 -11.99 -19.26 -4.41
CA PHE A 117 -11.50 -18.27 -5.34
C PHE A 117 -12.63 -17.80 -6.25
N LYS A 119 -15.64 -17.49 -5.97
CA LYS A 119 -16.63 -16.59 -5.37
C LYS A 119 -16.32 -15.13 -5.73
N SER A 120 -15.11 -14.88 -6.21
CA SER A 120 -14.71 -13.57 -6.73
C SER A 120 -15.39 -13.24 -8.04
N GLY A 121 -16.15 -14.19 -8.60
CA GLY A 121 -16.72 -14.14 -9.92
C GLY A 121 -15.78 -14.42 -11.07
N ARG A 122 -14.56 -14.81 -10.79
CA ARG A 122 -13.48 -15.00 -11.74
C ARG A 122 -12.89 -16.42 -11.58
N ARG A 123 -12.57 -16.98 -12.74
CA ARG A 123 -11.86 -18.26 -12.75
C ARG A 123 -10.38 -18.00 -12.54
N PRO A 124 -9.65 -18.74 -11.72
CA PRO A 124 -8.20 -18.52 -11.70
C PRO A 124 -7.64 -18.87 -13.07
N ASP A 125 -6.53 -18.29 -13.51
CA ASP A 125 -5.97 -18.72 -14.80
C ASP A 125 -4.93 -19.83 -14.60
N HIS A 126 -4.60 -20.12 -13.35
CA HIS A 126 -3.63 -21.17 -13.03
C HIS A 126 -3.57 -21.43 -11.54
N ILE A 127 -2.78 -22.42 -11.17
CA ILE A 127 -2.63 -22.91 -9.82
C ILE A 127 -1.17 -22.95 -9.43
N ASP A 128 -0.89 -22.56 -8.19
CA ASP A 128 0.43 -22.71 -7.59
C ASP A 128 0.21 -22.89 -6.10
N SER A 129 1.25 -22.86 -5.27
CA SER A 129 1.00 -23.05 -3.85
C SER A 129 1.99 -22.28 -2.98
N HIS A 130 1.43 -21.84 -1.86
CA HIS A 130 2.15 -21.20 -0.77
C HIS A 130 3.19 -22.15 -0.23
N HIS A 131 4.41 -21.68 -0.05
CA HIS A 131 5.51 -22.51 0.44
C HIS A 131 5.83 -23.66 -0.51
N ASN A 132 5.37 -23.55 -1.75
CA ASN A 132 5.55 -24.60 -2.74
C ASN A 132 5.21 -25.98 -2.19
N VAL A 133 4.13 -26.11 -1.44
CA VAL A 133 3.79 -27.39 -0.84
C VAL A 133 3.35 -28.47 -1.82
N HIS A 134 2.86 -28.29 -3.01
CA HIS A 134 2.55 -29.10 -4.16
C HIS A 134 3.82 -29.67 -4.78
N GLY A 135 4.99 -29.17 -4.36
CA GLY A 135 6.25 -29.71 -4.81
C GLY A 135 7.05 -30.29 -3.66
N LYS A 136 6.41 -30.48 -2.52
CA LYS A 136 7.14 -31.00 -1.35
C LYS A 136 7.49 -32.48 -1.53
N ASN A 137 6.61 -33.18 -2.21
CA ASN A 137 6.72 -34.59 -2.55
C ASN A 137 5.69 -34.92 -3.63
N LYS A 138 5.90 -36.04 -4.31
CA LYS A 138 5.12 -36.48 -5.44
C LYS A 138 3.65 -36.72 -5.17
N LYS A 139 3.33 -37.06 -3.92
CA LYS A 139 1.98 -37.36 -3.50
C LYS A 139 1.15 -36.08 -3.42
N LEU A 140 1.75 -35.06 -2.81
CA LEU A 140 1.12 -33.74 -2.77
C LEU A 140 0.99 -33.18 -4.18
N LEU A 141 2.07 -33.15 -4.94
CA LEU A 141 2.03 -32.87 -6.37
C LEU A 141 0.90 -33.57 -7.11
N GLY A 142 0.79 -34.88 -6.85
CA GLY A 142 -0.26 -35.68 -7.43
C GLY A 142 -1.64 -35.11 -7.18
N VAL A 143 -1.85 -34.54 -5.99
CA VAL A 143 -3.14 -33.98 -5.64
C VAL A 143 -3.38 -32.68 -6.39
N ALA A 144 -2.32 -31.89 -6.52
CA ALA A 144 -2.39 -30.67 -7.31
C ALA A 144 -2.71 -31.00 -8.76
N LEU A 145 -2.05 -32.00 -9.36
CA LEU A 145 -2.29 -32.32 -10.76
C LEU A 145 -3.69 -32.82 -10.99
N ALA A 146 -4.21 -33.59 -10.01
CA ALA A 146 -5.58 -34.06 -10.12
C ALA A 146 -6.57 -32.88 -10.16
N LEU A 147 -6.34 -31.85 -9.35
CA LEU A 147 -7.26 -30.69 -9.40
C LEU A 147 -7.04 -29.84 -10.64
N ALA A 148 -5.83 -29.81 -11.15
CA ALA A 148 -5.50 -29.14 -12.40
C ALA A 148 -6.31 -29.74 -13.54
N ARG A 149 -6.37 -31.09 -13.52
CA ARG A 149 -7.12 -31.76 -14.59
C ARG A 149 -8.61 -31.52 -14.41
N LYS A 150 -9.09 -31.54 -13.19
CA LYS A 150 -10.50 -31.40 -12.84
C LYS A 150 -11.00 -30.00 -13.22
N TYR A 151 -10.15 -29.00 -13.01
CA TYR A 151 -10.60 -27.66 -13.36
C TYR A 151 -9.96 -27.19 -14.65
N GLN A 152 -9.08 -28.01 -15.24
CA GLN A 152 -8.53 -27.66 -16.54
C GLN A 152 -7.75 -26.35 -16.49
N LEU A 153 -6.81 -26.34 -15.57
CA LEU A 153 -5.91 -25.22 -15.32
C LEU A 153 -4.45 -25.67 -15.36
N PRO A 154 -3.59 -24.85 -15.95
CA PRO A 154 -2.16 -25.12 -15.91
C PRO A 154 -1.67 -24.94 -14.46
N LEU A 155 -0.55 -25.57 -14.16
CA LEU A 155 -0.02 -25.65 -12.83
C LEU A 155 1.44 -25.25 -12.79
N ARG A 156 1.84 -24.49 -11.78
CA ARG A 156 3.21 -24.07 -11.64
C ARG A 156 4.16 -25.29 -11.64
N ASN A 157 5.28 -25.15 -12.34
CA ASN A 157 6.31 -26.20 -12.32
C ASN A 157 6.81 -26.35 -10.89
N ALA A 158 6.63 -27.54 -10.33
CA ALA A 158 7.02 -27.80 -8.96
C ALA A 158 8.47 -28.09 -8.69
N SER A 159 9.35 -28.25 -9.67
CA SER A 159 10.74 -28.64 -9.30
C SER A 159 11.66 -27.47 -9.04
N ARG A 160 12.34 -27.40 -7.90
CA ARG A 160 13.33 -26.34 -7.69
C ARG A 160 14.70 -26.90 -7.34
N SER A 161 14.95 -28.11 -7.81
CA SER A 161 16.16 -28.87 -7.50
C SER A 161 16.44 -29.88 -8.60
N ILE A 162 17.69 -30.30 -8.82
CA ILE A 162 17.84 -31.29 -9.89
C ILE A 162 17.15 -32.59 -9.46
N GLU A 163 17.27 -32.90 -8.17
CA GLU A 163 16.73 -34.11 -7.61
C GLU A 163 15.25 -34.31 -7.89
N THR A 164 14.49 -33.24 -8.09
CA THR A 164 13.04 -33.39 -8.28
C THR A 164 12.67 -33.09 -9.73
N LYS A 165 13.66 -33.09 -10.63
CA LYS A 165 13.37 -32.83 -12.03
C LYS A 165 12.36 -33.82 -12.59
N ASP A 166 12.33 -35.03 -12.01
CA ASP A 166 11.43 -36.06 -12.51
C ASP A 166 9.97 -35.77 -12.15
N TYR A 167 9.74 -34.70 -11.38
CA TYR A 167 8.35 -34.32 -11.08
C TYR A 167 7.58 -34.05 -12.36
N LEU A 168 8.27 -33.41 -13.30
CA LEU A 168 7.60 -32.92 -14.50
C LEU A 168 7.14 -34.05 -15.38
N GLU A 169 7.74 -35.24 -15.22
CA GLU A 169 7.21 -36.32 -16.08
C GLU A 169 5.78 -36.68 -15.71
N LEU A 170 5.30 -36.24 -14.55
CA LEU A 170 3.97 -36.51 -14.09
C LEU A 170 2.92 -35.54 -14.61
N TYR A 171 3.37 -34.44 -15.18
CA TYR A 171 2.41 -33.40 -15.57
C TYR A 171 1.56 -33.83 -16.76
N GLN A 172 2.21 -34.30 -17.83
CA GLN A 172 1.52 -34.84 -18.99
C GLN A 172 0.57 -33.84 -19.66
N ASP A 173 -0.72 -33.99 -19.49
CA ASP A 173 -1.73 -33.13 -20.05
C ASP A 173 -1.80 -31.77 -19.34
N VAL A 174 -1.34 -31.72 -18.11
CA VAL A 174 -1.32 -30.47 -17.33
C VAL A 174 -0.16 -29.57 -17.72
N ARG A 175 -0.49 -28.43 -18.34
CA ARG A 175 0.52 -27.51 -18.85
C ARG A 175 1.28 -26.77 -17.75
N THR A 176 2.54 -26.44 -18.02
CA THR A 176 3.39 -25.85 -16.98
C THR A 176 4.57 -25.17 -17.63
N PRO A 177 5.12 -24.14 -17.00
CA PRO A 177 6.38 -23.58 -17.52
C PRO A 177 7.48 -24.63 -17.58
N ASP A 178 8.34 -24.48 -18.59
CA ASP A 178 9.46 -25.41 -18.74
C ASP A 178 10.46 -25.29 -17.61
N GLU A 179 10.57 -24.08 -17.03
CA GLU A 179 11.51 -23.89 -15.94
C GLU A 179 10.96 -22.98 -14.84
N LEU A 181 12.16 -20.59 -12.10
CA LEU A 181 13.24 -19.76 -11.60
C LEU A 181 12.79 -19.12 -10.27
N TYR A 182 13.22 -19.75 -9.18
CA TYR A 182 12.84 -19.48 -7.81
C TYR A 182 13.91 -18.67 -7.05
N GLN A 183 14.97 -18.25 -7.70
CA GLN A 183 16.16 -17.78 -7.00
C GLN A 183 16.06 -16.36 -6.46
N PHE A 184 15.05 -15.62 -6.92
CA PHE A 184 14.90 -14.21 -6.54
C PHE A 184 14.22 -14.11 -5.19
N TYR A 185 14.99 -14.16 -4.11
CA TYR A 185 14.48 -14.26 -2.77
C TYR A 185 15.52 -13.95 -1.71
N ASP A 186 15.08 -13.18 -0.72
CA ASP A 186 15.88 -12.85 0.47
C ASP A 186 17.30 -12.46 0.15
N LYS A 187 18.39 -13.17 0.47
CA LYS A 187 19.70 -12.56 0.29
C LYS A 187 20.12 -12.43 -1.17
N ALA A 188 19.29 -12.90 -2.09
CA ALA A 188 19.52 -12.81 -3.50
C ALA A 188 18.74 -11.67 -4.14
N ILE A 189 17.97 -10.95 -3.31
CA ILE A 189 17.25 -9.78 -3.82
C ILE A 189 18.22 -8.70 -4.29
N SER A 190 18.34 -8.62 -5.60
CA SER A 190 19.09 -7.55 -6.24
C SER A 190 18.86 -7.56 -7.75
N THR A 191 19.35 -6.50 -8.38
CA THR A 191 19.17 -6.34 -9.81
C THR A 191 19.92 -7.44 -10.58
N GLU A 192 21.11 -7.66 -10.07
CA GLU A 192 22.07 -8.61 -10.66
C GLU A 192 21.45 -9.99 -10.77
N THR A 193 20.79 -10.46 -9.71
CA THR A 193 20.13 -11.75 -9.72
C THR A 193 19.16 -11.82 -10.89
N ILE A 194 18.45 -10.71 -11.10
CA ILE A 194 17.42 -10.66 -12.12
C ILE A 194 18.04 -10.77 -13.52
N LEU A 195 19.17 -10.09 -13.72
CA LEU A 195 19.83 -10.15 -15.02
C LEU A 195 20.30 -11.59 -15.29
N GLN A 196 20.86 -12.17 -14.24
CA GLN A 196 21.32 -13.55 -14.21
C GLN A 196 20.20 -14.51 -14.63
N LEU A 197 19.05 -14.35 -14.00
CA LEU A 197 17.93 -15.21 -14.37
C LEU A 197 17.53 -14.95 -15.81
N LEU A 198 17.64 -13.69 -16.24
CA LEU A 198 17.22 -13.41 -17.62
C LEU A 198 18.17 -14.09 -18.59
N ASP A 199 19.46 -14.00 -18.30
CA ASP A 199 20.41 -14.66 -19.20
C ASP A 199 20.14 -16.16 -19.24
N VAL A 201 17.31 -17.50 -19.00
CA VAL A 201 16.20 -17.77 -19.92
C VAL A 201 16.68 -17.73 -21.36
N VAL A 202 17.55 -16.78 -21.64
CA VAL A 202 17.97 -16.60 -23.03
C VAL A 202 18.81 -17.79 -23.48
N CYS A 203 19.48 -18.41 -22.52
CA CYS A 203 20.39 -19.50 -22.80
C CYS A 203 19.72 -20.86 -22.88
N SER A 204 18.48 -21.01 -22.43
CA SER A 204 17.97 -22.39 -22.36
C SER A 204 17.03 -22.70 -23.51
N GLU A 205 16.65 -23.96 -23.57
CA GLU A 205 15.86 -24.55 -24.65
C GLU A 205 14.37 -24.38 -24.47
N GLY A 206 13.97 -24.13 -23.23
CA GLY A 206 12.61 -23.89 -22.83
C GLY A 206 11.90 -22.88 -23.70
N GLU A 207 10.56 -22.91 -23.65
CA GLU A 207 9.74 -21.93 -24.35
C GLU A 207 9.13 -20.96 -23.33
N VAL A 208 8.60 -21.49 -22.24
CA VAL A 208 7.95 -20.74 -21.18
C VAL A 208 8.67 -20.90 -19.84
N PHE A 209 8.96 -19.75 -19.23
CA PHE A 209 9.68 -19.63 -17.99
C PHE A 209 8.89 -18.83 -16.95
N GLU A 210 9.05 -19.19 -15.69
CA GLU A 210 8.40 -18.46 -14.61
C GLU A 210 9.46 -18.02 -13.60
N ILE A 211 9.48 -16.71 -13.36
CA ILE A 211 10.21 -16.23 -12.19
C ILE A 211 9.21 -15.82 -11.12
N ASN A 212 9.25 -16.38 -9.91
CA ASN A 212 8.27 -15.94 -8.92
C ASN A 212 8.94 -14.87 -8.04
N CYS A 213 8.07 -14.15 -7.31
CA CYS A 213 8.59 -13.08 -6.47
C CYS A 213 7.56 -12.70 -5.41
N HIS A 214 7.99 -11.88 -4.44
CA HIS A 214 7.11 -11.50 -3.35
C HIS A 214 7.13 -10.00 -3.06
N PRO A 215 6.76 -9.18 -4.05
CA PRO A 215 6.66 -7.74 -3.81
C PRO A 215 5.52 -7.47 -2.83
N ALA A 216 5.65 -6.40 -2.07
CA ALA A 216 4.68 -5.89 -1.14
C ALA A 216 5.09 -4.50 -0.65
N PHE A 217 4.10 -3.75 -0.19
CA PHE A 217 4.28 -2.66 0.74
C PHE A 217 4.15 -3.30 2.12
N ILE A 218 4.68 -2.63 3.13
CA ILE A 218 4.60 -3.14 4.49
C ILE A 218 3.43 -2.52 5.26
N ASP A 219 2.65 -3.37 5.90
CA ASP A 219 1.62 -2.98 6.88
C ASP A 219 1.89 -3.78 8.14
N THR A 220 1.20 -3.46 9.23
CA THR A 220 1.45 -4.25 10.44
C THR A 220 0.95 -5.68 10.22
N ILE A 221 -0.08 -5.84 9.39
N ILE A 221 -0.07 -5.83 9.38
CA ILE A 221 -0.63 -7.18 9.17
CA ILE A 221 -0.65 -7.14 9.08
C ILE A 221 0.47 -8.06 8.59
C ILE A 221 0.42 -8.07 8.54
N LEU A 222 1.20 -7.60 7.57
CA LEU A 222 2.31 -8.40 7.07
C LEU A 222 3.34 -8.66 8.15
N GLN A 223 3.70 -7.61 8.89
CA GLN A 223 4.71 -7.75 9.94
C GLN A 223 4.33 -8.82 10.98
N ASN A 224 3.04 -8.93 11.23
CA ASN A 224 2.50 -9.82 12.24
C ASN A 224 2.58 -11.28 11.78
N GLN A 225 2.53 -11.45 10.46
CA GLN A 225 2.18 -12.70 9.84
C GLN A 225 3.27 -13.35 9.02
N SER A 226 4.20 -12.55 8.51
CA SER A 226 5.31 -13.17 7.82
C SER A 226 6.71 -12.76 8.25
N GLY A 227 7.53 -13.79 8.49
CA GLY A 227 8.94 -13.56 8.70
C GLY A 227 9.67 -12.99 7.50
N TYR A 228 9.13 -13.14 6.29
CA TYR A 228 9.68 -12.49 5.11
C TYR A 228 8.92 -11.18 4.89
N CYS A 229 9.48 -10.11 5.43
CA CYS A 229 8.74 -8.85 5.46
C CYS A 229 9.46 -7.71 4.77
N PRO A 231 12.28 -7.28 3.05
CA PRO A 231 12.81 -7.33 1.68
C PRO A 231 11.76 -7.18 0.57
N ARG A 232 10.51 -7.40 0.92
CA ARG A 232 9.47 -7.33 -0.11
C ARG A 232 9.39 -5.93 -0.71
N ILE A 233 9.74 -4.89 0.07
CA ILE A 233 9.71 -3.57 -0.57
C ILE A 233 10.85 -3.40 -1.55
N ARG A 234 12.00 -4.08 -1.27
CA ARG A 234 13.15 -3.95 -2.15
C ARG A 234 12.84 -4.58 -3.50
N GLU A 235 12.05 -5.65 -3.47
CA GLU A 235 11.59 -6.33 -4.68
C GLU A 235 10.74 -5.40 -5.53
N VAL A 236 9.82 -4.65 -4.88
CA VAL A 236 9.06 -3.68 -5.64
C VAL A 236 10.01 -2.74 -6.37
N GLU A 237 11.03 -2.33 -5.61
CA GLU A 237 11.92 -1.33 -6.19
C GLU A 237 12.60 -1.90 -7.42
N ILE A 238 13.08 -3.13 -7.26
CA ILE A 238 13.83 -3.72 -8.38
C ILE A 238 12.90 -4.05 -9.54
N LEU A 239 11.73 -4.60 -9.24
CA LEU A 239 10.82 -4.97 -10.33
C LEU A 239 10.22 -3.77 -11.07
N THR A 240 10.31 -2.56 -10.51
CA THR A 240 9.81 -1.37 -11.19
C THR A 240 10.94 -0.52 -11.76
N SER A 241 12.18 -1.00 -11.66
CA SER A 241 13.33 -0.24 -12.14
C SER A 241 13.45 -0.24 -13.66
N GLN A 242 13.95 0.89 -14.20
CA GLN A 242 14.23 1.00 -15.62
C GLN A 242 15.23 -0.04 -16.12
N GLU A 243 16.22 -0.36 -15.29
CA GLU A 243 17.24 -1.34 -15.65
C GLU A 243 16.63 -2.70 -15.92
N VAL A 244 15.70 -3.09 -15.04
CA VAL A 244 15.07 -4.39 -15.26
C VAL A 244 14.25 -4.38 -16.52
N LYS A 245 13.39 -3.37 -16.72
CA LYS A 245 12.61 -3.31 -17.95
C LYS A 245 13.50 -3.34 -19.18
N GLU A 246 14.56 -2.55 -19.18
CA GLU A 246 15.48 -2.54 -20.34
C GLU A 246 16.11 -3.90 -20.58
N ALA A 247 16.48 -4.61 -19.52
CA ALA A 247 17.15 -5.90 -19.67
C ALA A 247 16.29 -6.90 -20.41
N ILE A 248 15.01 -6.93 -20.05
CA ILE A 248 14.11 -7.88 -20.72
C ILE A 248 14.02 -7.51 -22.19
N GLU A 249 13.94 -6.20 -22.42
CA GLU A 249 13.95 -5.63 -23.76
C GLU A 249 15.18 -6.07 -24.55
N GLU A 250 16.37 -5.83 -24.04
CA GLU A 250 17.64 -6.13 -24.69
C GLU A 250 17.76 -7.60 -25.06
N ARG A 251 17.01 -8.43 -24.35
CA ARG A 251 17.16 -9.87 -24.58
C ARG A 251 16.02 -10.41 -25.42
N GLY A 252 15.15 -9.54 -25.90
CA GLY A 252 14.04 -9.93 -26.74
C GLY A 252 13.00 -10.75 -26.00
N ILE A 253 13.02 -10.78 -24.67
CA ILE A 253 12.09 -11.65 -23.94
C ILE A 253 10.69 -11.07 -23.92
N LEU A 254 9.71 -11.95 -24.13
CA LEU A 254 8.30 -11.63 -24.15
C LEU A 254 7.71 -11.77 -22.76
N LEU A 255 7.11 -10.70 -22.22
CA LEU A 255 6.52 -10.88 -20.88
C LEU A 255 5.10 -11.41 -20.98
N ALA A 256 4.90 -12.59 -20.42
CA ALA A 256 3.64 -13.31 -20.55
C ALA A 256 2.98 -13.68 -19.24
N ASN A 257 1.85 -14.35 -19.37
CA ASN A 257 1.09 -14.82 -18.21
C ASN A 257 0.62 -16.25 -18.49
N TYR A 258 -0.09 -16.87 -17.57
CA TYR A 258 -0.49 -18.28 -17.79
C TYR A 258 -1.58 -18.43 -18.82
N GLU A 259 -2.10 -17.39 -19.46
CA GLU A 259 -2.97 -17.53 -20.62
C GLU A 259 -2.20 -18.22 -21.75
N SER A 260 -0.89 -18.17 -21.72
CA SER A 260 0.00 -18.78 -22.69
C SER A 260 0.07 -20.31 -22.51
N LEU A 261 -0.52 -20.79 -21.43
CA LEU A 261 -0.55 -22.19 -21.04
C LEU A 261 -1.97 -22.71 -20.79
N ALA A 262 -2.97 -22.06 -21.35
CA ALA A 262 -4.36 -22.42 -21.20
C ALA A 262 -4.60 -23.78 -21.87
N SER B 3 -23.62 22.24 21.92
CA SER B 3 -23.42 21.87 20.54
C SER B 3 -22.87 20.46 20.39
N ASN B 4 -23.05 19.87 19.20
CA ASN B 4 -22.38 18.58 19.00
C ASN B 4 -20.87 18.79 19.03
N LYS B 5 -20.08 17.73 19.10
CA LYS B 5 -18.64 17.82 18.85
C LYS B 5 -18.34 17.17 17.51
N LYS B 6 -17.63 17.92 16.67
CA LYS B 6 -17.26 17.47 15.33
C LYS B 6 -15.75 17.28 15.29
N LEU B 7 -15.35 16.07 14.89
CA LEU B 7 -13.95 15.73 14.84
C LEU B 7 -13.50 15.35 13.42
N ILE B 8 -12.58 16.12 12.89
CA ILE B 8 -11.89 15.90 11.62
C ILE B 8 -10.57 15.19 11.94
N ILE B 9 -10.37 14.01 11.38
CA ILE B 9 -9.13 13.26 11.44
C ILE B 9 -8.52 13.23 10.05
N ASN B 10 -7.48 14.02 9.89
CA ASN B 10 -6.86 14.30 8.62
C ASN B 10 -5.46 13.70 8.57
N ALA B 11 -5.26 12.82 7.58
CA ALA B 11 -4.00 12.26 7.22
C ALA B 11 -3.23 13.23 6.29
N ASP B 12 -2.08 13.70 6.78
CA ASP B 12 -1.20 14.54 6.02
C ASP B 12 -0.35 13.72 5.03
N ASP B 13 0.03 14.29 3.92
CA ASP B 13 1.01 13.80 2.98
C ASP B 13 0.41 12.87 1.92
N PHE B 14 -0.88 12.97 1.63
CA PHE B 14 -1.44 12.22 0.49
C PHE B 14 -0.64 12.51 -0.78
N GLY B 15 -0.34 11.46 -1.55
CA GLY B 15 0.44 11.64 -2.76
C GLY B 15 1.93 11.68 -2.56
N TYR B 16 2.44 11.54 -1.33
CA TYR B 16 3.86 11.66 -1.12
C TYR B 16 4.60 10.55 -1.88
N THR B 17 4.15 9.33 -1.59
CA THR B 17 4.67 8.13 -2.26
C THR B 17 3.50 7.18 -2.51
N PRO B 18 3.62 6.25 -3.44
CA PRO B 18 2.50 5.32 -3.70
C PRO B 18 2.05 4.58 -2.45
N ALA B 19 2.96 4.13 -1.58
CA ALA B 19 2.58 3.41 -0.39
C ALA B 19 1.93 4.25 0.71
N VAL B 20 2.39 5.50 0.81
CA VAL B 20 1.76 6.45 1.70
C VAL B 20 0.31 6.63 1.26
N THR B 21 0.10 6.93 -0.01
CA THR B 21 -1.23 7.09 -0.59
C THR B 21 -2.12 5.91 -0.22
N GLN B 22 -1.57 4.70 -0.37
CA GLN B 22 -2.46 3.55 -0.15
C GLN B 22 -2.73 3.29 1.33
N GLY B 23 -1.72 3.55 2.16
CA GLY B 23 -1.91 3.40 3.60
C GLY B 23 -2.98 4.38 4.07
N ILE B 24 -2.96 5.60 3.52
CA ILE B 24 -4.03 6.53 3.87
C ILE B 24 -5.39 6.06 3.42
N ILE B 25 -5.49 5.50 2.19
CA ILE B 25 -6.80 5.02 1.73
C ILE B 25 -7.29 3.91 2.65
N GLU B 26 -6.37 3.12 3.18
CA GLU B 26 -6.72 2.00 4.07
C GLU B 26 -7.27 2.54 5.39
N ALA B 27 -6.53 3.53 5.90
CA ALA B 27 -6.92 4.14 7.17
C ALA B 27 -8.28 4.82 7.09
N HIS B 28 -8.65 5.29 5.91
CA HIS B 28 -9.96 5.87 5.70
C HIS B 28 -11.04 4.79 5.54
N LYS B 29 -10.79 3.81 4.69
CA LYS B 29 -11.79 2.85 4.26
C LYS B 29 -12.06 1.84 5.36
N ARG B 30 -11.04 1.56 6.17
CA ARG B 30 -11.16 0.62 7.27
C ARG B 30 -11.09 1.30 8.61
N GLY B 31 -10.97 2.63 8.65
CA GLY B 31 -10.80 3.27 9.94
C GLY B 31 -11.47 4.60 10.09
N VAL B 32 -10.83 5.47 10.89
CA VAL B 32 -11.52 6.70 11.27
C VAL B 32 -10.97 7.95 10.60
N VAL B 33 -10.00 7.83 9.70
CA VAL B 33 -9.55 8.98 8.90
C VAL B 33 -10.69 9.43 8.00
N THR B 34 -11.00 10.74 8.08
CA THR B 34 -12.12 11.25 7.31
C THR B 34 -11.64 12.14 6.18
N SER B 35 -10.36 12.46 6.20
CA SER B 35 -9.84 13.50 5.32
C SER B 35 -8.36 13.30 5.08
N THR B 36 -7.83 13.85 3.98
CA THR B 36 -6.42 13.89 3.75
C THR B 36 -6.03 15.20 3.07
N THR B 37 -4.75 15.57 3.18
CA THR B 37 -4.22 16.71 2.48
C THR B 37 -3.01 16.25 1.65
N ALA B 38 -3.05 16.62 0.38
CA ALA B 38 -2.19 16.17 -0.69
C ALA B 38 -1.11 17.19 -1.08
N LEU B 39 0.06 16.65 -1.39
CA LEU B 39 1.20 17.40 -1.89
C LEU B 39 1.28 17.47 -3.40
N PRO B 40 0.84 18.55 -4.02
CA PRO B 40 1.00 18.69 -5.48
C PRO B 40 2.44 18.78 -5.95
N THR B 41 3.33 18.98 -4.99
CA THR B 41 4.75 19.13 -5.21
C THR B 41 5.43 17.77 -5.43
N SER B 42 4.66 16.72 -5.19
CA SER B 42 5.12 15.35 -5.37
C SER B 42 4.83 14.77 -6.75
N PRO B 43 5.76 14.00 -7.34
CA PRO B 43 5.49 13.45 -8.66
C PRO B 43 4.37 12.40 -8.73
N TYR B 44 4.01 11.79 -7.62
CA TYR B 44 2.92 10.85 -7.48
C TYR B 44 1.58 11.48 -7.15
N PHE B 45 1.49 12.82 -7.15
CA PHE B 45 0.24 13.46 -6.76
C PHE B 45 -0.91 13.09 -7.66
N LEU B 46 -0.78 13.24 -8.98
CA LEU B 46 -1.95 12.98 -9.84
C LEU B 46 -2.35 11.51 -9.77
N GLU B 47 -1.35 10.63 -9.61
CA GLU B 47 -1.74 9.22 -9.48
C GLU B 47 -2.55 8.95 -8.22
N ALA B 48 -2.16 9.63 -7.16
CA ALA B 48 -2.88 9.57 -5.90
C ALA B 48 -4.31 10.04 -6.08
N GLU B 50 -6.12 10.01 -8.80
CA GLU B 50 -6.87 9.00 -9.57
C GLU B 50 -7.22 7.80 -8.69
N SER B 51 -6.27 7.34 -7.88
CA SER B 51 -6.59 6.20 -7.01
C SER B 51 -7.72 6.54 -6.05
N ALA B 52 -7.68 7.79 -5.53
CA ALA B 52 -8.78 8.18 -4.66
C ALA B 52 -10.11 8.20 -5.40
N ARG B 53 -10.14 8.65 -6.63
CA ARG B 53 -11.38 8.80 -7.38
C ARG B 53 -12.05 7.44 -7.56
N ILE B 54 -11.20 6.46 -7.87
CA ILE B 54 -11.85 5.17 -8.20
C ILE B 54 -11.95 4.25 -7.02
N SER B 55 -11.01 4.30 -6.07
CA SER B 55 -11.03 3.35 -4.96
C SER B 55 -11.39 3.98 -3.63
N ALA B 56 -11.47 5.32 -3.48
CA ALA B 56 -11.86 5.91 -2.20
C ALA B 56 -12.73 7.15 -2.41
N PRO B 57 -13.85 7.00 -3.11
CA PRO B 57 -14.68 8.14 -3.49
C PRO B 57 -15.20 8.92 -2.29
N THR B 58 -15.21 8.32 -1.11
CA THR B 58 -15.78 9.01 0.04
C THR B 58 -14.74 9.84 0.78
N LEU B 59 -13.49 9.78 0.39
CA LEU B 59 -12.40 10.47 1.05
C LEU B 59 -12.37 11.96 0.67
N ALA B 60 -12.34 12.81 1.70
CA ALA B 60 -12.26 14.26 1.45
C ALA B 60 -10.81 14.68 1.31
N ILE B 61 -10.47 15.57 0.39
CA ILE B 61 -9.09 15.91 0.13
C ILE B 61 -8.83 17.41 -0.03
N GLY B 62 -7.91 17.92 0.77
CA GLY B 62 -7.41 19.29 0.76
C GLY B 62 -6.01 19.37 0.21
N VAL B 63 -5.47 20.58 0.09
CA VAL B 63 -4.11 20.77 -0.39
C VAL B 63 -3.14 21.03 0.77
N HIS B 64 -2.04 20.30 0.77
CA HIS B 64 -0.92 20.35 1.68
C HIS B 64 0.18 21.23 1.11
N LEU B 65 0.14 22.52 1.47
CA LEU B 65 1.13 23.46 0.97
C LEU B 65 2.46 23.24 1.67
N THR B 66 3.57 23.60 1.00
CA THR B 66 4.88 23.39 1.61
C THR B 66 5.90 24.42 1.14
N LEU B 67 6.88 24.62 2.03
CA LEU B 67 8.05 25.41 1.73
C LEU B 67 9.33 24.69 2.12
N THR B 68 9.23 23.45 2.59
CA THR B 68 10.31 22.78 3.26
C THR B 68 10.42 21.30 2.91
N LEU B 69 9.68 20.81 1.94
CA LEU B 69 9.65 19.36 1.69
C LEU B 69 11.02 18.87 1.25
N ASN B 70 11.51 17.90 1.99
CA ASN B 70 12.82 17.30 1.72
C ASN B 70 12.93 16.80 0.29
N GLN B 71 14.06 17.11 -0.34
CA GLN B 71 14.42 16.65 -1.67
C GLN B 71 13.40 17.04 -2.73
N ALA B 72 12.65 18.11 -2.47
CA ALA B 72 11.65 18.59 -3.40
C ALA B 72 11.88 20.05 -3.79
N LYS B 73 11.27 20.48 -4.88
CA LYS B 73 11.43 21.84 -5.38
C LYS B 73 10.08 22.52 -5.51
N PRO B 74 10.06 23.85 -5.55
CA PRO B 74 8.78 24.54 -5.79
C PRO B 74 8.24 24.20 -7.18
N ILE B 75 6.95 24.47 -7.32
CA ILE B 75 6.29 24.41 -8.62
C ILE B 75 6.83 25.45 -9.58
N LEU B 76 7.01 26.67 -9.11
CA LEU B 76 7.55 27.74 -9.95
C LEU B 76 9.05 27.57 -10.16
N PRO B 77 9.56 28.03 -11.29
CA PRO B 77 10.99 28.01 -11.56
C PRO B 77 11.77 28.76 -10.48
N ARG B 78 12.99 28.32 -10.22
CA ARG B 78 13.76 28.93 -9.13
C ARG B 78 14.01 30.42 -9.35
N GLU B 79 14.07 30.85 -10.59
CA GLU B 79 14.35 32.25 -10.91
C GLU B 79 13.21 33.14 -10.48
N VAL B 81 11.26 32.27 -7.76
CA VAL B 81 11.12 32.22 -6.30
C VAL B 81 12.46 31.99 -5.60
N PRO B 82 13.44 32.83 -5.89
CA PRO B 82 14.80 32.53 -5.44
C PRO B 82 14.93 32.46 -3.93
N SER B 83 14.07 33.15 -3.20
CA SER B 83 14.15 33.17 -1.75
C SER B 83 13.72 31.86 -1.12
N LEU B 84 13.06 30.99 -1.89
CA LEU B 84 12.42 29.80 -1.36
C LEU B 84 13.33 28.57 -1.41
N VAL B 85 14.46 28.71 -2.07
CA VAL B 85 15.31 27.54 -2.28
C VAL B 85 16.79 27.73 -1.96
N ASP B 86 17.42 26.59 -1.66
CA ASP B 86 18.86 26.56 -1.47
C ASP B 86 19.55 26.75 -2.81
N GLU B 87 20.87 26.64 -2.82
CA GLU B 87 21.65 26.81 -4.04
C GLU B 87 21.31 25.82 -5.15
N ALA B 88 20.87 24.62 -4.81
CA ALA B 88 20.56 23.60 -5.81
C ALA B 88 19.12 23.63 -6.29
N GLY B 89 18.27 24.51 -5.77
CA GLY B 89 16.91 24.63 -6.26
C GLY B 89 15.89 23.93 -5.37
N TYR B 90 16.35 23.36 -4.26
CA TYR B 90 15.46 22.61 -3.39
C TYR B 90 14.93 23.52 -2.27
N PHE B 91 13.73 23.24 -1.78
CA PHE B 91 13.20 23.94 -0.62
C PHE B 91 14.18 23.91 0.56
N TRP B 92 14.29 25.05 1.21
CA TRP B 92 15.04 25.18 2.45
C TRP B 92 14.49 24.22 3.50
N HIS B 93 15.32 23.67 4.35
CA HIS B 93 14.91 22.88 5.51
C HIS B 93 14.11 23.75 6.47
N GLN B 94 13.19 23.12 7.19
CA GLN B 94 12.28 23.78 8.11
C GLN B 94 13.03 24.56 9.20
N SER B 95 14.24 24.12 9.52
CA SER B 95 15.04 24.73 10.57
C SER B 95 15.49 26.14 10.27
N ILE B 96 15.57 26.52 9.01
CA ILE B 96 16.05 27.85 8.72
C ILE B 96 15.32 28.56 7.59
N PHE B 97 14.24 28.00 7.05
CA PHE B 97 13.54 28.68 5.98
C PHE B 97 12.94 30.02 6.43
N GLU B 98 12.53 30.08 7.68
CA GLU B 98 11.78 31.22 8.20
C GLU B 98 12.43 32.55 7.82
N GLU B 99 13.75 32.60 7.99
CA GLU B 99 14.53 33.82 7.81
C GLU B 99 14.87 34.08 6.36
N LYS B 100 14.55 33.13 5.48
CA LYS B 100 14.99 33.27 4.10
C LYS B 100 13.92 33.80 3.15
N VAL B 101 12.69 33.36 3.43
CA VAL B 101 11.70 33.53 2.37
C VAL B 101 11.09 34.93 2.34
N ASN B 102 10.81 35.36 1.13
CA ASN B 102 10.10 36.56 0.72
C ASN B 102 8.60 36.28 0.61
N LEU B 103 7.77 37.01 1.33
CA LEU B 103 6.36 36.69 1.45
C LEU B 103 5.61 36.71 0.12
N GLU B 104 6.07 37.54 -0.81
CA GLU B 104 5.48 37.66 -2.13
C GLU B 104 5.71 36.40 -2.95
N GLU B 105 6.93 35.88 -2.82
CA GLU B 105 7.29 34.62 -3.46
C GLU B 105 6.53 33.49 -2.76
N VAL B 106 6.39 33.51 -1.44
CA VAL B 106 5.58 32.50 -0.74
C VAL B 106 4.16 32.49 -1.32
N TYR B 107 3.56 33.69 -1.44
CA TYR B 107 2.23 33.78 -2.03
C TYR B 107 2.18 33.17 -3.43
N ASN B 108 3.12 33.55 -4.28
CA ASN B 108 3.02 33.09 -5.67
C ASN B 108 3.19 31.58 -5.73
N GLU B 109 4.15 31.08 -4.96
CA GLU B 109 4.42 29.64 -4.96
C GLU B 109 3.22 28.89 -4.40
N TRP B 110 2.62 29.33 -3.31
CA TRP B 110 1.47 28.61 -2.76
C TRP B 110 0.26 28.70 -3.68
N ASP B 111 0.01 29.84 -4.31
CA ASP B 111 -0.95 29.95 -5.40
C ASP B 111 -0.70 28.88 -6.46
N ALA B 112 0.56 28.75 -6.87
CA ALA B 112 0.97 27.77 -7.86
C ALA B 112 0.65 26.34 -7.42
N GLN B 113 0.86 26.07 -6.14
CA GLN B 113 0.62 24.75 -5.58
C GLN B 113 -0.87 24.45 -5.61
N ILE B 114 -1.68 25.48 -5.34
CA ILE B 114 -3.12 25.24 -5.37
C ILE B 114 -3.59 25.03 -6.79
N ILE B 115 -3.09 25.80 -7.73
CA ILE B 115 -3.43 25.59 -9.14
C ILE B 115 -3.02 24.18 -9.61
N SER B 116 -1.84 23.80 -9.18
CA SER B 116 -1.26 22.51 -9.42
C SER B 116 -2.21 21.42 -8.91
N PHE B 117 -2.74 21.60 -7.71
CA PHE B 117 -3.69 20.61 -7.18
C PHE B 117 -4.81 20.44 -8.20
N LYS B 119 -5.01 20.63 -11.28
CA LYS B 119 -4.80 19.86 -12.51
C LYS B 119 -5.41 18.46 -12.37
N SER B 120 -5.73 18.06 -11.14
CA SER B 120 -6.44 16.82 -10.86
C SER B 120 -7.89 16.88 -11.35
N GLY B 121 -8.37 18.07 -11.69
CA GLY B 121 -9.77 18.31 -12.02
C GLY B 121 -10.67 18.35 -10.81
N ARG B 122 -10.06 18.45 -9.63
CA ARG B 122 -10.79 18.59 -8.40
C ARG B 122 -10.30 19.84 -7.63
N ARG B 123 -11.27 20.49 -7.01
CA ARG B 123 -10.96 21.59 -6.08
C ARG B 123 -10.55 21.07 -4.73
N PRO B 124 -9.49 21.52 -4.10
CA PRO B 124 -9.21 21.05 -2.74
C PRO B 124 -10.35 21.47 -1.80
N ASP B 125 -10.66 20.74 -0.74
CA ASP B 125 -11.73 21.21 0.13
C ASP B 125 -11.22 22.10 1.27
N HIS B 126 -9.92 22.24 1.41
CA HIS B 126 -9.31 23.08 2.45
C HIS B 126 -7.79 23.15 2.21
N ILE B 127 -7.18 24.00 3.02
CA ILE B 127 -5.74 24.19 3.04
C ILE B 127 -5.09 23.87 4.37
N ASP B 128 -3.90 23.27 4.29
CA ASP B 128 -3.02 23.17 5.44
C ASP B 128 -1.58 23.21 4.91
N SER B 129 -0.62 22.94 5.78
CA SER B 129 0.75 22.92 5.36
C SER B 129 1.63 21.89 6.09
N HIS B 130 2.57 21.40 5.29
CA HIS B 130 3.64 20.51 5.74
C HIS B 130 4.49 21.22 6.78
N HIS B 131 4.85 20.60 7.89
CA HIS B 131 5.66 21.17 8.95
C HIS B 131 4.94 22.39 9.56
N ASN B 132 3.66 22.51 9.35
CA ASN B 132 2.88 23.64 9.85
C ASN B 132 3.57 24.97 9.56
N VAL B 133 4.13 25.16 8.37
CA VAL B 133 4.81 26.44 8.09
C VAL B 133 3.90 27.66 8.02
N HIS B 134 2.62 27.66 7.72
CA HIS B 134 1.59 28.67 7.82
C HIS B 134 1.32 29.09 9.26
N GLY B 135 1.84 28.34 10.23
CA GLY B 135 1.75 28.68 11.63
C GLY B 135 3.09 29.06 12.24
N LYS B 136 4.13 29.21 11.42
CA LYS B 136 5.46 29.50 11.91
C LYS B 136 5.57 30.90 12.49
N ASN B 137 4.81 31.82 11.92
CA ASN B 137 4.72 33.20 12.42
C ASN B 137 3.48 33.83 11.77
N LYS B 138 3.08 35.02 12.19
CA LYS B 138 1.84 35.64 11.75
C LYS B 138 1.89 36.13 10.32
N LYS B 139 3.08 36.43 9.79
CA LYS B 139 3.22 36.86 8.41
C LYS B 139 2.93 35.70 7.45
N LEU B 140 3.51 34.53 7.76
CA LEU B 140 3.26 33.34 6.93
C LEU B 140 1.80 32.95 7.00
N LEU B 141 1.23 33.09 8.21
CA LEU B 141 -0.19 32.85 8.38
C LEU B 141 -0.98 33.80 7.51
N GLY B 142 -0.62 35.09 7.48
CA GLY B 142 -1.32 36.05 6.63
C GLY B 142 -1.32 35.69 5.16
N VAL B 143 -0.22 35.14 4.65
CA VAL B 143 -0.18 34.72 3.25
C VAL B 143 -1.15 33.58 3.04
N ALA B 144 -1.10 32.61 3.95
CA ALA B 144 -2.06 31.51 3.90
C ALA B 144 -3.49 32.02 3.90
N LEU B 145 -3.85 32.98 4.74
CA LEU B 145 -5.19 33.51 4.83
C LEU B 145 -5.63 34.25 3.57
N ALA B 146 -4.65 34.94 2.98
CA ALA B 146 -4.93 35.66 1.74
C ALA B 146 -5.39 34.69 0.66
N LEU B 147 -4.72 33.55 0.57
CA LEU B 147 -5.09 32.54 -0.42
C LEU B 147 -6.42 31.86 -0.07
N ALA B 148 -6.65 31.64 1.24
CA ALA B 148 -7.88 31.02 1.70
C ALA B 148 -9.07 31.90 1.31
N ARG B 149 -8.82 33.21 1.38
CA ARG B 149 -9.87 34.14 0.98
C ARG B 149 -9.99 34.18 -0.54
N LYS B 150 -8.90 34.15 -1.29
CA LYS B 150 -8.99 34.19 -2.75
C LYS B 150 -9.76 32.99 -3.27
N TYR B 151 -9.43 31.80 -2.75
CA TYR B 151 -10.09 30.58 -3.24
C TYR B 151 -11.29 30.17 -2.43
N GLN B 152 -11.56 30.90 -1.34
CA GLN B 152 -12.75 30.63 -0.54
C GLN B 152 -12.72 29.20 0.03
N LEU B 153 -11.63 28.91 0.73
CA LEU B 153 -11.39 27.62 1.33
C LEU B 153 -11.03 27.72 2.81
N PRO B 154 -11.53 26.78 3.60
CA PRO B 154 -11.17 26.79 5.02
C PRO B 154 -9.70 26.40 5.20
N LEU B 155 -9.14 26.79 6.36
CA LEU B 155 -7.72 26.66 6.63
C LEU B 155 -7.49 26.00 7.98
N ARG B 156 -6.57 25.03 8.06
CA ARG B 156 -6.28 24.37 9.32
C ARG B 156 -5.89 25.39 10.41
N ASN B 157 -6.37 25.12 11.62
CA ASN B 157 -6.00 25.97 12.78
C ASN B 157 -4.49 25.91 12.96
N ALA B 158 -3.83 27.07 12.79
CA ALA B 158 -2.37 27.08 12.84
C ALA B 158 -1.72 27.09 14.21
N SER B 159 -2.47 27.26 15.29
CA SER B 159 -1.85 27.38 16.62
C SER B 159 -1.67 26.01 17.27
N ARG B 160 -0.44 25.79 17.75
CA ARG B 160 -0.13 24.56 18.44
C ARG B 160 0.56 24.85 19.79
N SER B 161 0.22 26.00 20.34
CA SER B 161 0.72 26.47 21.62
C SER B 161 -0.21 27.47 22.27
N ILE B 162 -0.23 27.56 23.61
CA ILE B 162 -1.12 28.57 24.20
C ILE B 162 -0.70 29.95 23.73
N GLU B 163 0.59 30.08 23.49
CA GLU B 163 1.27 31.28 23.04
C GLU B 163 0.77 31.79 21.69
N THR B 164 0.26 30.92 20.81
CA THR B 164 -0.17 31.42 19.50
C THR B 164 -1.69 31.31 19.33
N LYS B 165 -2.38 31.36 20.47
CA LYS B 165 -3.83 31.35 20.49
C LYS B 165 -4.41 32.56 19.76
N ASP B 166 -3.66 33.66 19.81
CA ASP B 166 -4.09 34.92 19.21
C ASP B 166 -4.10 34.80 17.69
N TYR B 167 -3.46 33.74 17.18
CA TYR B 167 -3.43 33.52 15.75
C TYR B 167 -4.83 33.49 15.17
N LEU B 168 -5.72 32.88 15.94
CA LEU B 168 -7.11 32.68 15.53
C LEU B 168 -7.80 34.02 15.30
N GLU B 169 -7.32 35.06 16.01
CA GLU B 169 -8.01 36.33 15.81
C GLU B 169 -7.83 36.90 14.43
N LEU B 170 -6.91 36.34 13.64
CA LEU B 170 -6.68 36.88 12.31
C LEU B 170 -7.56 36.27 11.23
N TYR B 171 -8.22 35.16 11.53
CA TYR B 171 -8.86 34.41 10.44
C TYR B 171 -10.08 35.12 9.86
N GLN B 172 -10.85 35.77 10.74
CA GLN B 172 -12.03 36.54 10.36
C GLN B 172 -13.05 35.64 9.66
N ASP B 173 -13.26 35.79 8.37
CA ASP B 173 -14.17 35.06 7.54
C ASP B 173 -13.63 33.67 7.21
N VAL B 174 -12.33 33.46 7.37
CA VAL B 174 -11.78 32.12 7.03
C VAL B 174 -12.11 31.12 8.12
N ARG B 175 -12.92 30.11 7.74
CA ARG B 175 -13.35 29.12 8.73
C ARG B 175 -12.25 28.13 9.08
N THR B 176 -12.23 27.69 10.35
CA THR B 176 -11.17 26.84 10.87
C THR B 176 -11.72 26.03 12.03
N PRO B 177 -11.13 24.87 12.30
CA PRO B 177 -11.47 24.20 13.55
C PRO B 177 -11.07 25.03 14.76
N ASP B 178 -11.84 24.85 15.81
CA ASP B 178 -11.57 25.50 17.09
C ASP B 178 -10.26 25.07 17.72
N GLU B 179 -9.82 23.83 17.56
CA GLU B 179 -8.55 23.40 18.17
C GLU B 179 -7.78 22.43 17.26
N LEU B 181 -5.34 19.48 17.33
CA LEU B 181 -4.79 18.42 18.16
C LEU B 181 -3.71 17.64 17.40
N TYR B 182 -2.46 18.00 17.64
CA TYR B 182 -1.29 17.63 16.87
C TYR B 182 -0.45 16.56 17.57
N GLN B 183 -0.92 16.08 18.71
CA GLN B 183 -0.09 15.25 19.58
C GLN B 183 0.15 13.84 19.09
N PHE B 184 -0.62 13.38 18.10
CA PHE B 184 -0.49 11.99 17.66
C PHE B 184 0.65 11.83 16.66
N TYR B 185 1.84 11.64 17.22
CA TYR B 185 3.07 11.62 16.45
C TYR B 185 4.19 10.91 17.21
N ASP B 186 4.92 10.11 16.44
CA ASP B 186 6.17 9.51 16.84
C ASP B 186 6.12 8.84 18.19
N LYS B 187 6.83 9.28 19.23
CA LYS B 187 6.83 8.54 20.48
C LYS B 187 5.45 8.46 21.12
N ALA B 188 4.53 9.31 20.67
CA ALA B 188 3.19 9.34 21.25
C ALA B 188 2.22 8.50 20.43
N ILE B 189 2.76 7.80 19.41
CA ILE B 189 1.86 6.93 18.66
C ILE B 189 1.41 5.74 19.48
N SER B 190 0.16 5.80 19.92
CA SER B 190 -0.49 4.70 20.61
C SER B 190 -1.97 4.97 20.81
N THR B 191 -2.68 3.89 21.15
CA THR B 191 -4.10 3.97 21.38
C THR B 191 -4.43 4.93 22.53
N GLU B 192 -3.61 4.84 23.57
CA GLU B 192 -3.73 5.71 24.73
C GLU B 192 -3.84 7.18 24.33
N THR B 193 -2.90 7.61 23.52
CA THR B 193 -2.81 8.99 23.06
C THR B 193 -4.13 9.38 22.41
N ILE B 194 -4.62 8.49 21.56
CA ILE B 194 -5.86 8.80 20.85
C ILE B 194 -7.02 8.98 21.82
N LEU B 195 -7.13 8.11 22.80
CA LEU B 195 -8.19 8.20 23.79
C LEU B 195 -8.09 9.51 24.58
N GLN B 196 -6.84 9.85 24.85
CA GLN B 196 -6.54 11.08 25.57
C GLN B 196 -7.04 12.28 24.77
N LEU B 197 -6.78 12.26 23.47
CA LEU B 197 -7.19 13.38 22.63
C LEU B 197 -8.70 13.42 22.48
N LEU B 198 -9.35 12.25 22.48
CA LEU B 198 -10.81 12.21 22.42
C LEU B 198 -11.39 12.79 23.70
N ASP B 199 -10.70 12.51 24.82
CA ASP B 199 -11.21 13.10 26.06
C ASP B 199 -11.10 14.63 25.98
N VAL B 201 -11.29 16.45 23.46
CA VAL B 201 -12.38 16.92 22.62
C VAL B 201 -13.64 17.06 23.46
N VAL B 202 -13.82 16.08 24.36
CA VAL B 202 -15.05 16.04 25.13
C VAL B 202 -15.09 17.20 26.13
N CYS B 203 -13.91 17.53 26.63
CA CYS B 203 -13.73 18.43 27.75
C CYS B 203 -13.47 19.86 27.35
N SER B 204 -13.39 20.19 26.05
CA SER B 204 -13.18 21.61 25.75
C SER B 204 -14.49 22.23 25.24
N GLU B 205 -14.45 23.54 25.02
CA GLU B 205 -15.64 24.33 24.72
C GLU B 205 -15.95 24.40 23.23
N GLY B 206 -14.92 24.23 22.43
CA GLY B 206 -15.02 24.19 21.00
C GLY B 206 -16.05 23.18 20.52
N GLU B 207 -16.39 23.35 19.26
CA GLU B 207 -17.31 22.52 18.51
C GLU B 207 -16.52 21.62 17.56
N VAL B 208 -15.57 22.21 16.84
CA VAL B 208 -14.86 21.55 15.76
C VAL B 208 -13.37 21.40 16.06
N PHE B 209 -12.93 20.14 15.95
CA PHE B 209 -11.59 19.77 16.36
C PHE B 209 -10.93 19.02 15.19
N GLU B 210 -9.61 19.16 15.06
CA GLU B 210 -8.86 18.39 14.08
C GLU B 210 -7.72 17.64 14.76
N ILE B 211 -7.70 16.34 14.49
CA ILE B 211 -6.55 15.50 14.84
C ILE B 211 -5.81 15.16 13.55
N ASN B 212 -4.53 15.48 13.45
CA ASN B 212 -3.81 15.14 12.21
C ASN B 212 -2.98 13.89 12.50
N CYS B 213 -2.52 13.29 11.41
CA CYS B 213 -1.84 12.00 11.56
C CYS B 213 -1.07 11.71 10.27
N HIS B 214 -0.27 10.65 10.31
CA HIS B 214 0.57 10.30 9.17
C HIS B 214 0.54 8.82 8.85
N PRO B 215 -0.62 8.27 8.56
CA PRO B 215 -0.72 6.83 8.25
C PRO B 215 -0.01 6.60 6.90
N ALA B 216 0.59 5.43 6.73
CA ALA B 216 1.20 5.02 5.48
C ALA B 216 1.45 3.50 5.49
N PHE B 217 1.51 2.91 4.30
CA PHE B 217 2.26 1.68 4.07
C PHE B 217 3.69 2.12 3.72
N ILE B 218 4.62 1.20 3.86
CA ILE B 218 6.04 1.46 3.64
C ILE B 218 6.46 1.01 2.23
N ASP B 219 7.09 1.92 1.52
CA ASP B 219 7.80 1.56 0.27
C ASP B 219 9.23 2.10 0.40
N THR B 220 10.14 1.71 -0.48
CA THR B 220 11.48 2.24 -0.42
C THR B 220 11.49 3.76 -0.59
N ILE B 221 10.48 4.26 -1.30
CA ILE B 221 10.46 5.69 -1.62
C ILE B 221 10.32 6.47 -0.32
N LEU B 222 9.35 6.05 0.49
CA LEU B 222 9.17 6.67 1.81
C LEU B 222 10.45 6.56 2.63
N GLN B 223 11.01 5.35 2.64
CA GLN B 223 12.24 5.07 3.37
C GLN B 223 13.36 6.05 3.04
N ASN B 224 13.47 6.40 1.76
CA ASN B 224 14.56 7.22 1.28
C ASN B 224 14.31 8.70 1.52
N GLN B 225 13.05 9.07 1.59
CA GLN B 225 12.55 10.43 1.55
C GLN B 225 12.22 10.99 2.92
N SER B 226 11.85 10.14 3.85
CA SER B 226 11.45 10.59 5.17
C SER B 226 12.07 9.83 6.34
N GLY B 227 12.54 10.56 7.34
CA GLY B 227 13.05 9.99 8.57
C GLY B 227 11.96 9.48 9.49
N TYR B 228 10.71 9.83 9.31
CA TYR B 228 9.50 9.34 9.92
C TYR B 228 8.85 8.35 8.96
N CYS B 229 9.15 7.09 9.23
CA CYS B 229 8.77 6.03 8.29
C CYS B 229 8.06 4.88 8.98
N PRO B 231 6.94 4.11 11.98
CA PRO B 231 5.74 4.33 12.82
C PRO B 231 4.44 4.58 12.06
N ARG B 232 4.56 5.04 10.82
CA ARG B 232 3.34 5.30 10.04
C ARG B 232 2.48 4.05 9.91
N ILE B 233 3.06 2.85 9.95
CA ILE B 233 2.16 1.68 9.82
C ILE B 233 1.41 1.44 11.11
N ARG B 234 2.04 1.84 12.22
CA ARG B 234 1.38 1.67 13.52
C ARG B 234 0.19 2.62 13.60
N GLU B 235 0.30 3.76 12.94
CA GLU B 235 -0.81 4.71 12.87
C GLU B 235 -1.99 4.12 12.11
N VAL B 236 -1.66 3.41 11.01
CA VAL B 236 -2.74 2.77 10.28
C VAL B 236 -3.42 1.77 11.22
N GLU B 237 -2.60 0.97 11.91
CA GLU B 237 -3.18 -0.04 12.78
C GLU B 237 -4.10 0.59 13.81
N ILE B 238 -3.59 1.66 14.44
CA ILE B 238 -4.38 2.24 15.52
C ILE B 238 -5.66 2.86 14.97
N LEU B 239 -5.56 3.53 13.83
CA LEU B 239 -6.71 4.23 13.24
C LEU B 239 -7.76 3.33 12.63
N THR B 240 -7.44 2.06 12.36
CA THR B 240 -8.40 1.09 11.88
C THR B 240 -8.92 0.18 12.99
N SER B 241 -8.47 0.40 14.22
CA SER B 241 -8.83 -0.47 15.34
C SER B 241 -10.23 -0.21 15.88
N GLN B 242 -10.85 -1.34 16.27
CA GLN B 242 -12.15 -1.33 16.91
C GLN B 242 -12.19 -0.46 18.15
N GLU B 243 -11.14 -0.49 18.97
CA GLU B 243 -11.20 0.31 20.20
C GLU B 243 -11.33 1.79 19.87
N VAL B 244 -10.57 2.23 18.88
CA VAL B 244 -10.70 3.64 18.50
C VAL B 244 -12.06 3.98 17.95
N LYS B 245 -12.64 3.13 17.08
CA LYS B 245 -13.96 3.47 16.55
C LYS B 245 -14.97 3.54 17.70
N GLU B 246 -14.87 2.58 18.63
CA GLU B 246 -15.78 2.56 19.77
C GLU B 246 -15.58 3.79 20.65
N ALA B 247 -14.35 4.14 20.94
CA ALA B 247 -14.04 5.32 21.76
C ALA B 247 -14.75 6.58 21.27
N ILE B 248 -14.80 6.73 19.95
CA ILE B 248 -15.42 7.90 19.35
C ILE B 248 -16.93 7.88 19.56
N GLU B 249 -17.52 6.72 19.31
CA GLU B 249 -18.95 6.54 19.48
C GLU B 249 -19.38 6.74 20.94
N GLU B 250 -18.67 6.12 21.87
CA GLU B 250 -19.00 6.18 23.28
C GLU B 250 -18.96 7.61 23.81
N ARG B 251 -18.19 8.44 23.10
CA ARG B 251 -18.07 9.82 23.49
C ARG B 251 -19.06 10.74 22.75
N GLY B 252 -19.86 10.18 21.87
CA GLY B 252 -20.85 10.89 21.10
C GLY B 252 -20.23 11.92 20.18
N ILE B 253 -19.01 11.61 19.74
CA ILE B 253 -18.33 12.53 18.82
C ILE B 253 -18.70 12.19 17.38
N LEU B 254 -18.98 13.21 16.59
CA LEU B 254 -19.32 13.09 15.18
C LEU B 254 -18.09 13.20 14.28
N LEU B 255 -17.88 12.22 13.41
CA LEU B 255 -16.72 12.28 12.51
C LEU B 255 -17.07 13.13 11.29
N ALA B 256 -16.22 14.12 11.02
CA ALA B 256 -16.51 15.10 10.00
C ALA B 256 -15.33 15.32 9.08
N ASN B 257 -15.53 16.14 8.06
CA ASN B 257 -14.44 16.59 7.19
C ASN B 257 -14.59 18.10 7.00
N TYR B 258 -13.72 18.71 6.22
CA TYR B 258 -13.74 20.16 6.07
C TYR B 258 -14.92 20.62 5.23
N GLU B 259 -15.77 19.72 4.72
CA GLU B 259 -17.01 20.19 4.10
C GLU B 259 -17.86 20.91 5.16
N SER B 260 -17.68 20.53 6.40
CA SER B 260 -18.34 21.12 7.56
C SER B 260 -17.91 22.58 7.77
N LEU B 261 -16.82 22.97 7.13
CA LEU B 261 -16.28 24.32 7.23
C LEU B 261 -16.24 25.05 5.89
N ALA B 262 -17.01 24.63 4.88
CA ALA B 262 -16.96 25.31 3.61
C ALA B 262 -17.61 26.71 3.74
#